data_6VRO
#
_entry.id   6VRO
#
_cell.length_a   111.044
_cell.length_b   111.044
_cell.length_c   108.912
_cell.angle_alpha   90.000
_cell.angle_beta   90.000
_cell.angle_gamma   90.000
#
_symmetry.space_group_name_H-M   'I 4'
#
loop_
_entity.id
_entity.type
_entity.pdbx_description
1 polymer 'Serine/threonine-protein phosphatase 2A 56 kDa regulatory subunit gamma isoform'
2 polymer 'Beta/gamma crystallin domain-containing protein 1'
3 water water
#
loop_
_entity_poly.entity_id
_entity_poly.type
_entity_poly.pdbx_seq_one_letter_code
_entity_poly.pdbx_strand_id
1 'polypeptide(L)'
;GHMGSRDVPPADQEKLFIQKLRQCCVLFDFVSDPLSDLKWKEVKRAALSEMVEYITHNRNVITEPIYPEVVHMFAVNMFR
TLPPSSNPTGAEFDPEEDEPTLEAAWPHLQLVYEFFLRFLESPDFQPNIAKKYIDQKFVLQLLELFDSEDPRERDFLKTT
LHRIYGKFLGLRAYIRKQINNIFYRFIYETEHHNGIAELLEILGSIINGFALPLKEEHKIFLLKVLLPLHKVKSLSVYHP
QLAYCVVQFLEKDSTLTEPVVMALLKYWPKTHSPKEVMFLNELEEILDVIEPSEFVKIMEPLFRQLAKCVSSPHFQVAER
ALYYWNNEYIMSLISDNAAKILPIMFPSLYRNSKT
;
A
2 'polypeptide(L)' KRKKARMPNSPAPHFAMPPIHEDHLE B
#
# COMPACT_ATOMS: atom_id res chain seq x y z
N VAL A 8 -46.70 8.42 -21.27
CA VAL A 8 -45.65 7.93 -22.16
C VAL A 8 -44.66 7.08 -21.39
N PRO A 9 -44.58 5.79 -21.74
CA PRO A 9 -43.63 4.89 -21.07
C PRO A 9 -42.20 5.32 -21.31
N PRO A 10 -41.42 5.51 -20.24
CA PRO A 10 -40.05 6.03 -20.41
C PRO A 10 -38.99 4.95 -20.48
N ALA A 11 -39.24 3.87 -21.24
CA ALA A 11 -38.31 2.77 -21.42
C ALA A 11 -38.01 2.03 -20.12
N ASP A 12 -37.33 0.89 -20.22
CA ASP A 12 -37.10 0.06 -19.05
C ASP A 12 -35.91 0.58 -18.25
N GLN A 13 -35.55 -0.17 -17.21
CA GLN A 13 -34.54 0.30 -16.27
C GLN A 13 -33.12 0.15 -16.83
N GLU A 14 -32.87 -0.93 -17.58
CA GLU A 14 -31.54 -1.13 -18.13
C GLU A 14 -31.18 -0.05 -19.14
N LYS A 15 -32.16 0.40 -19.93
CA LYS A 15 -31.89 1.45 -20.91
C LYS A 15 -31.62 2.79 -20.23
N LEU A 16 -32.36 3.10 -19.17
CA LEU A 16 -32.09 4.31 -18.40
C LEU A 16 -30.68 4.26 -17.81
N PHE A 17 -30.26 3.09 -17.35
CA PHE A 17 -28.91 2.93 -16.83
C PHE A 17 -27.87 3.27 -17.88
N ILE A 18 -28.05 2.77 -19.11
CA ILE A 18 -27.08 3.02 -20.17
C ILE A 18 -27.08 4.49 -20.56
N GLN A 19 -28.26 5.10 -20.66
CA GLN A 19 -28.32 6.52 -21.03
C GLN A 19 -27.72 7.41 -19.95
N LYS A 20 -27.97 7.09 -18.68
CA LYS A 20 -27.36 7.86 -17.59
C LYS A 20 -25.83 7.78 -17.64
N LEU A 21 -25.31 6.58 -17.91
CA LEU A 21 -23.86 6.42 -18.02
C LEU A 21 -23.28 7.21 -19.19
N ARG A 22 -24.03 7.29 -20.30
CA ARG A 22 -23.52 8.05 -21.44
C ARG A 22 -23.64 9.55 -21.23
N GLN A 23 -24.62 9.99 -20.43
CA GLN A 23 -24.69 11.41 -20.09
C GLN A 23 -23.45 11.85 -19.32
N CYS A 24 -22.91 10.99 -18.47
CA CYS A 24 -21.74 11.30 -17.68
C CYS A 24 -20.44 11.21 -18.48
N CYS A 25 -20.52 10.89 -19.77
CA CYS A 25 -19.34 10.92 -20.64
C CYS A 25 -19.13 12.27 -21.30
N VAL A 26 -20.15 13.14 -21.30
CA VAL A 26 -20.03 14.48 -21.85
C VAL A 26 -19.33 15.33 -20.80
N LEU A 27 -18.05 15.60 -21.00
CA LEU A 27 -17.25 16.30 -20.01
C LEU A 27 -17.62 17.77 -19.94
N PHE A 28 -17.75 18.29 -18.72
CA PHE A 28 -18.10 19.69 -18.50
C PHE A 28 -17.03 20.40 -17.69
N SER A 36 -25.43 27.65 -19.03
CA SER A 36 -25.97 26.67 -18.09
C SER A 36 -24.89 25.68 -17.65
N ASP A 37 -23.72 26.20 -17.31
CA ASP A 37 -22.62 25.34 -16.87
C ASP A 37 -22.98 24.60 -15.58
N LEU A 38 -23.55 25.32 -14.60
CA LEU A 38 -23.95 24.67 -13.36
C LEU A 38 -25.13 23.72 -13.55
N LYS A 39 -25.90 23.88 -14.63
CA LYS A 39 -27.05 23.01 -14.86
C LYS A 39 -26.61 21.60 -15.25
N TRP A 40 -25.75 21.49 -16.27
CA TRP A 40 -25.34 20.17 -16.75
C TRP A 40 -24.44 19.46 -15.75
N LYS A 41 -23.61 20.21 -15.00
CA LYS A 41 -22.80 19.59 -13.95
C LYS A 41 -23.70 19.02 -12.86
N GLU A 42 -24.80 19.70 -12.54
CA GLU A 42 -25.74 19.17 -11.57
C GLU A 42 -26.48 17.96 -12.11
N VAL A 43 -26.76 17.93 -13.42
CA VAL A 43 -27.45 16.79 -14.02
C VAL A 43 -26.60 15.53 -13.88
N LYS A 44 -25.31 15.64 -14.19
CA LYS A 44 -24.43 14.48 -14.09
C LYS A 44 -24.23 14.05 -12.63
N ARG A 45 -24.15 15.03 -11.72
CA ARG A 45 -24.01 14.69 -10.30
C ARG A 45 -25.24 13.96 -9.79
N ALA A 46 -26.44 14.40 -10.20
CA ALA A 46 -27.65 13.69 -9.82
C ALA A 46 -27.71 12.30 -10.46
N ALA A 47 -27.22 12.19 -11.70
CA ALA A 47 -27.24 10.90 -12.38
C ALA A 47 -26.32 9.90 -11.71
N LEU A 48 -25.15 10.37 -11.24
CA LEU A 48 -24.22 9.47 -10.56
C LEU A 48 -24.79 8.99 -9.23
N SER A 49 -25.30 9.91 -8.41
CA SER A 49 -25.92 9.52 -7.15
C SER A 49 -27.13 8.62 -7.38
N GLU A 50 -27.87 8.86 -8.47
CA GLU A 50 -28.98 7.99 -8.81
C GLU A 50 -28.51 6.59 -9.16
N MET A 51 -27.42 6.48 -9.92
CA MET A 51 -26.89 5.17 -10.30
C MET A 51 -26.19 4.49 -9.13
N VAL A 52 -25.60 5.26 -8.22
CA VAL A 52 -24.98 4.67 -7.04
C VAL A 52 -26.02 3.89 -6.23
N GLU A 53 -27.17 4.53 -5.96
CA GLU A 53 -28.23 3.86 -5.23
C GLU A 53 -28.80 2.68 -6.01
N TYR A 54 -28.78 2.76 -7.35
CA TYR A 54 -29.37 1.71 -8.16
C TYR A 54 -28.60 0.40 -8.02
N ILE A 55 -27.28 0.44 -8.22
CA ILE A 55 -26.49 -0.79 -8.15
C ILE A 55 -26.21 -1.22 -6.72
N THR A 56 -26.39 -0.33 -5.73
CA THR A 56 -26.11 -0.69 -4.36
C THR A 56 -27.23 -1.52 -3.75
N HIS A 57 -28.49 -1.17 -4.03
CA HIS A 57 -29.64 -1.79 -3.39
C HIS A 57 -30.51 -2.59 -4.35
N ASN A 58 -29.96 -3.01 -5.48
CA ASN A 58 -30.68 -3.86 -6.42
C ASN A 58 -29.78 -4.99 -6.88
N ARG A 59 -30.40 -6.14 -7.14
CA ARG A 59 -29.69 -7.31 -7.66
C ARG A 59 -30.08 -7.54 -9.12
N ASN A 60 -29.17 -8.20 -9.84
CA ASN A 60 -29.38 -8.56 -11.25
C ASN A 60 -29.61 -7.33 -12.10
N VAL A 61 -28.88 -6.25 -11.81
CA VAL A 61 -28.96 -5.02 -12.58
C VAL A 61 -27.68 -4.73 -13.36
N ILE A 62 -26.58 -5.41 -13.05
CA ILE A 62 -25.34 -5.26 -13.80
C ILE A 62 -25.33 -6.37 -14.84
N THR A 63 -25.88 -6.07 -16.01
CA THR A 63 -25.95 -7.02 -17.10
C THR A 63 -24.73 -6.87 -18.01
N GLU A 64 -24.64 -7.72 -19.04
CA GLU A 64 -23.49 -7.70 -19.93
C GLU A 64 -23.32 -6.37 -20.66
N PRO A 65 -24.35 -5.75 -21.23
CA PRO A 65 -24.13 -4.44 -21.89
C PRO A 65 -23.76 -3.32 -20.94
N ILE A 66 -23.86 -3.54 -19.63
CA ILE A 66 -23.51 -2.49 -18.68
C ILE A 66 -21.99 -2.39 -18.51
N TYR A 67 -21.29 -3.52 -18.57
CA TYR A 67 -19.84 -3.52 -18.33
C TYR A 67 -19.07 -2.55 -19.23
N PRO A 68 -19.25 -2.55 -20.56
CA PRO A 68 -18.50 -1.56 -21.36
C PRO A 68 -18.93 -0.13 -21.10
N GLU A 69 -20.20 0.12 -20.80
CA GLU A 69 -20.66 1.48 -20.56
C GLU A 69 -20.04 2.05 -19.29
N VAL A 70 -19.88 1.22 -18.26
CA VAL A 70 -19.32 1.70 -16.99
C VAL A 70 -17.84 1.99 -17.14
N VAL A 71 -17.09 1.04 -17.71
CA VAL A 71 -15.64 1.20 -17.84
C VAL A 71 -15.31 2.37 -18.75
N HIS A 72 -16.13 2.59 -19.78
CA HIS A 72 -15.92 3.72 -20.67
C HIS A 72 -16.17 5.04 -19.94
N MET A 73 -17.25 5.12 -19.18
CA MET A 73 -17.56 6.35 -18.44
C MET A 73 -16.45 6.67 -17.45
N PHE A 74 -15.91 5.66 -16.77
CA PHE A 74 -14.79 5.88 -15.86
C PHE A 74 -13.56 6.37 -16.60
N ALA A 75 -13.23 5.75 -17.73
CA ALA A 75 -12.04 6.13 -18.47
C ALA A 75 -12.16 7.56 -19.01
N VAL A 76 -13.34 7.94 -19.48
CA VAL A 76 -13.53 9.28 -20.02
C VAL A 76 -13.37 10.34 -18.94
N ASN A 77 -13.84 10.04 -17.72
CA ASN A 77 -13.79 11.03 -16.66
C ASN A 77 -12.44 11.05 -15.94
N MET A 78 -11.84 9.89 -15.73
CA MET A 78 -10.66 9.77 -14.88
C MET A 78 -9.34 9.79 -15.65
N PHE A 79 -9.25 9.07 -16.77
CA PHE A 79 -7.98 8.99 -17.50
C PHE A 79 -7.73 10.30 -18.22
N ARG A 80 -7.07 11.23 -17.53
CA ARG A 80 -6.84 12.58 -18.04
C ARG A 80 -5.40 12.97 -17.76
N THR A 81 -5.02 14.17 -18.16
CA THR A 81 -3.70 14.72 -17.88
C THR A 81 -3.76 15.52 -16.58
N LEU A 82 -2.87 15.20 -15.66
CA LEU A 82 -2.85 15.84 -14.35
C LEU A 82 -2.21 17.22 -14.41
N THR A 101 -3.08 21.37 -5.59
CA THR A 101 -3.20 20.09 -4.92
C THR A 101 -4.57 19.47 -5.13
N LEU A 102 -5.58 20.04 -4.49
CA LEU A 102 -6.93 19.49 -4.58
C LEU A 102 -7.51 19.70 -5.97
N GLU A 103 -8.40 18.78 -6.37
CA GLU A 103 -9.02 18.85 -7.67
C GLU A 103 -10.05 19.98 -7.74
N ALA A 104 -10.35 20.40 -8.97
CA ALA A 104 -11.33 21.47 -9.18
C ALA A 104 -12.75 20.93 -9.03
N ALA A 105 -13.11 19.94 -9.84
CA ALA A 105 -14.43 19.31 -9.76
C ALA A 105 -14.35 17.99 -9.00
N TRP A 106 -13.85 18.07 -7.76
CA TRP A 106 -13.70 16.84 -6.98
C TRP A 106 -15.03 16.26 -6.54
N PRO A 107 -16.01 17.04 -6.05
CA PRO A 107 -17.31 16.42 -5.72
C PRO A 107 -17.95 15.68 -6.87
N HIS A 108 -17.60 16.05 -8.11
CA HIS A 108 -18.03 15.27 -9.27
C HIS A 108 -17.18 14.01 -9.44
N LEU A 109 -15.86 14.13 -9.26
CA LEU A 109 -14.99 12.98 -9.44
C LEU A 109 -15.14 11.97 -8.32
N GLN A 110 -15.46 12.43 -7.10
CA GLN A 110 -15.66 11.50 -5.99
C GLN A 110 -16.84 10.57 -6.26
N LEU A 111 -17.91 11.09 -6.86
CA LEU A 111 -19.05 10.25 -7.18
C LEU A 111 -18.70 9.18 -8.20
N VAL A 112 -17.83 9.51 -9.17
CA VAL A 112 -17.41 8.51 -10.14
C VAL A 112 -16.57 7.43 -9.48
N TYR A 113 -15.69 7.82 -8.55
CA TYR A 113 -14.92 6.84 -7.79
C TYR A 113 -15.84 5.97 -6.94
N GLU A 114 -16.86 6.57 -6.34
CA GLU A 114 -17.77 5.80 -5.48
C GLU A 114 -18.63 4.85 -6.31
N PHE A 115 -19.16 5.33 -7.44
CA PHE A 115 -19.97 4.46 -8.29
C PHE A 115 -19.15 3.29 -8.81
N PHE A 116 -17.91 3.54 -9.23
CA PHE A 116 -17.08 2.45 -9.76
C PHE A 116 -16.72 1.45 -8.67
N LEU A 117 -16.55 1.91 -7.42
CA LEU A 117 -16.28 0.99 -6.32
C LEU A 117 -17.48 0.08 -6.07
N ARG A 118 -18.68 0.67 -5.97
CA ARG A 118 -19.87 -0.15 -5.82
C ARG A 118 -20.06 -1.09 -7.00
N PHE A 119 -19.63 -0.66 -8.20
CA PHE A 119 -19.68 -1.52 -9.37
C PHE A 119 -18.78 -2.74 -9.19
N LEU A 120 -17.54 -2.52 -8.76
CA LEU A 120 -16.62 -3.63 -8.54
C LEU A 120 -17.06 -4.54 -7.41
N GLU A 121 -17.70 -3.99 -6.38
CA GLU A 121 -18.04 -4.73 -5.17
C GLU A 121 -19.43 -5.36 -5.22
N SER A 122 -20.20 -5.13 -6.29
CA SER A 122 -21.55 -5.66 -6.35
C SER A 122 -21.51 -7.19 -6.45
N PRO A 123 -22.47 -7.88 -5.83
CA PRO A 123 -22.54 -9.34 -5.98
C PRO A 123 -22.80 -9.78 -7.41
N ASP A 124 -23.40 -8.94 -8.25
CA ASP A 124 -23.63 -9.30 -9.65
C ASP A 124 -22.37 -9.14 -10.50
N PHE A 125 -21.29 -8.61 -9.95
CA PHE A 125 -20.09 -8.34 -10.73
C PHE A 125 -19.43 -9.66 -11.14
N GLN A 126 -19.22 -9.82 -12.45
CA GLN A 126 -18.59 -11.02 -12.99
C GLN A 126 -17.26 -10.66 -13.62
N PRO A 127 -16.13 -10.97 -12.98
CA PRO A 127 -14.83 -10.63 -13.58
C PRO A 127 -14.58 -11.26 -14.94
N ASN A 128 -15.22 -12.40 -15.23
CA ASN A 128 -15.04 -13.02 -16.55
C ASN A 128 -15.60 -12.14 -17.66
N ILE A 129 -16.63 -11.35 -17.38
CA ILE A 129 -17.16 -10.43 -18.37
C ILE A 129 -16.39 -9.11 -18.36
N ALA A 130 -15.99 -8.65 -17.17
CA ALA A 130 -15.35 -7.34 -17.04
C ALA A 130 -13.92 -7.33 -17.54
N LYS A 131 -13.24 -8.49 -17.58
CA LYS A 131 -11.85 -8.52 -18.02
C LYS A 131 -11.70 -8.17 -19.49
N LYS A 132 -12.78 -8.17 -20.26
CA LYS A 132 -12.72 -7.68 -21.65
C LYS A 132 -12.49 -6.18 -21.71
N TYR A 133 -12.75 -5.47 -20.62
CA TYR A 133 -12.64 -4.02 -20.59
C TYR A 133 -11.69 -3.50 -19.52
N ILE A 134 -11.58 -4.19 -18.38
CA ILE A 134 -10.60 -3.85 -17.35
C ILE A 134 -9.39 -4.74 -17.62
N ASP A 135 -8.45 -4.20 -18.40
CA ASP A 135 -7.28 -4.95 -18.82
C ASP A 135 -5.99 -4.26 -18.40
N GLN A 136 -4.87 -4.65 -19.03
CA GLN A 136 -3.57 -4.09 -18.64
C GLN A 136 -3.50 -2.60 -18.93
N LYS A 137 -4.09 -2.16 -20.05
CA LYS A 137 -4.08 -0.74 -20.37
C LYS A 137 -4.89 0.06 -19.37
N PHE A 138 -6.02 -0.48 -18.92
CA PHE A 138 -6.82 0.19 -17.90
C PHE A 138 -6.05 0.30 -16.58
N VAL A 139 -5.42 -0.80 -16.16
CA VAL A 139 -4.65 -0.79 -14.93
C VAL A 139 -3.48 0.19 -15.03
N LEU A 140 -2.83 0.24 -16.19
CA LEU A 140 -1.68 1.11 -16.37
C LEU A 140 -2.08 2.58 -16.27
N GLN A 141 -3.23 2.93 -16.84
CA GLN A 141 -3.71 4.31 -16.72
C GLN A 141 -4.20 4.62 -15.32
N LEU A 142 -4.72 3.62 -14.61
CA LEU A 142 -5.16 3.83 -13.23
C LEU A 142 -3.98 4.09 -12.31
N LEU A 143 -2.83 3.47 -12.58
CA LEU A 143 -1.66 3.67 -11.74
C LEU A 143 -1.04 5.05 -11.92
N GLU A 144 -1.14 5.62 -13.12
CA GLU A 144 -0.61 6.96 -13.34
C GLU A 144 -1.38 8.02 -12.58
N LEU A 145 -2.64 7.74 -12.21
CA LEU A 145 -3.39 8.68 -11.39
C LEU A 145 -2.91 8.68 -9.94
N PHE A 146 -2.14 7.68 -9.53
CA PHE A 146 -1.60 7.66 -8.16
C PHE A 146 -0.61 8.80 -7.92
N ASP A 147 -0.13 9.45 -8.98
CA ASP A 147 0.75 10.60 -8.84
C ASP A 147 -0.02 11.88 -8.53
N SER A 148 -1.34 11.79 -8.34
CA SER A 148 -2.14 12.96 -8.03
C SER A 148 -1.73 13.56 -6.69
N GLU A 149 -1.85 14.88 -6.60
CA GLU A 149 -1.54 15.59 -5.37
C GLU A 149 -2.70 15.62 -4.39
N ASP A 150 -3.89 15.18 -4.80
CA ASP A 150 -5.07 15.15 -3.95
C ASP A 150 -5.05 13.87 -3.11
N PRO A 151 -4.90 13.99 -1.79
CA PRO A 151 -4.90 12.77 -0.95
C PRO A 151 -6.23 12.03 -0.99
N ARG A 152 -7.34 12.74 -1.18
CA ARG A 152 -8.63 12.08 -1.28
C ARG A 152 -8.71 11.23 -2.54
N GLU A 153 -8.12 11.71 -3.64
CA GLU A 153 -8.12 10.93 -4.87
C GLU A 153 -7.22 9.71 -4.76
N ARG A 154 -6.03 9.87 -4.17
CA ARG A 154 -5.14 8.72 -4.00
C ARG A 154 -5.74 7.68 -3.08
N ASP A 155 -6.61 8.09 -2.15
CA ASP A 155 -7.26 7.11 -1.27
C ASP A 155 -8.32 6.32 -2.03
N PHE A 156 -9.07 6.98 -2.92
CA PHE A 156 -10.04 6.25 -3.74
C PHE A 156 -9.33 5.37 -4.75
N LEU A 157 -8.20 5.82 -5.29
CA LEU A 157 -7.42 4.99 -6.21
C LEU A 157 -6.83 3.78 -5.49
N LYS A 158 -6.40 3.97 -4.24
CA LYS A 158 -5.85 2.86 -3.47
C LYS A 158 -6.87 1.76 -3.28
N THR A 159 -8.10 2.14 -2.88
CA THR A 159 -9.14 1.15 -2.68
C THR A 159 -9.59 0.54 -3.99
N THR A 160 -9.63 1.33 -5.07
CA THR A 160 -10.06 0.82 -6.37
C THR A 160 -9.11 -0.26 -6.86
N LEU A 161 -7.81 0.02 -6.84
CA LEU A 161 -6.84 -0.99 -7.29
C LEU A 161 -6.83 -2.21 -6.39
N HIS A 162 -7.11 -2.02 -5.09
CA HIS A 162 -7.18 -3.15 -4.17
C HIS A 162 -8.31 -4.10 -4.56
N ARG A 163 -9.47 -3.54 -4.92
CA ARG A 163 -10.58 -4.38 -5.37
C ARG A 163 -10.26 -5.06 -6.70
N ILE A 164 -9.61 -4.34 -7.62
CA ILE A 164 -9.27 -4.90 -8.92
C ILE A 164 -8.28 -6.04 -8.76
N TYR A 165 -7.28 -5.88 -7.90
CA TYR A 165 -6.29 -6.93 -7.67
C TYR A 165 -6.95 -8.19 -7.11
N GLY A 166 -7.89 -8.01 -6.17
CA GLY A 166 -8.50 -9.15 -5.52
C GLY A 166 -9.45 -9.93 -6.40
N LYS A 167 -10.13 -9.25 -7.33
CA LYS A 167 -11.16 -9.88 -8.15
C LYS A 167 -10.67 -10.30 -9.53
N PHE A 168 -9.58 -9.74 -10.03
CA PHE A 168 -9.05 -10.08 -11.35
C PHE A 168 -7.77 -10.89 -11.15
N LEU A 169 -7.91 -12.22 -11.10
CA LEU A 169 -6.76 -13.08 -10.87
C LEU A 169 -5.73 -12.97 -11.99
N GLY A 170 -6.18 -12.74 -13.23
CA GLY A 170 -5.27 -12.65 -14.35
C GLY A 170 -4.49 -11.35 -14.44
N LEU A 171 -4.78 -10.38 -13.60
CA LEU A 171 -4.07 -9.10 -13.57
C LEU A 171 -3.13 -8.96 -12.39
N ARG A 172 -3.12 -9.93 -11.46
CA ARG A 172 -2.37 -9.78 -10.22
C ARG A 172 -0.87 -9.69 -10.50
N ALA A 173 -0.35 -10.57 -11.34
CA ALA A 173 1.07 -10.54 -11.65
C ALA A 173 1.46 -9.25 -12.37
N TYR A 174 0.58 -8.75 -13.24
CA TYR A 174 0.87 -7.52 -13.97
C TYR A 174 0.85 -6.31 -13.05
N ILE A 175 -0.08 -6.29 -12.08
CA ILE A 175 -0.18 -5.15 -11.17
C ILE A 175 1.06 -5.05 -10.30
N ARG A 176 1.55 -6.18 -9.79
CA ARG A 176 2.75 -6.16 -8.96
C ARG A 176 3.98 -5.76 -9.77
N LYS A 177 4.03 -6.15 -11.05
CA LYS A 177 5.18 -5.77 -11.89
C LYS A 177 5.23 -4.26 -12.09
N GLN A 178 4.07 -3.63 -12.29
CA GLN A 178 4.05 -2.19 -12.51
C GLN A 178 4.33 -1.43 -11.22
N ILE A 179 3.84 -1.93 -10.08
CA ILE A 179 4.19 -1.33 -8.80
C ILE A 179 5.69 -1.46 -8.54
N ASN A 180 6.27 -2.60 -8.94
CA ASN A 180 7.72 -2.77 -8.81
C ASN A 180 8.47 -1.76 -9.67
N ASN A 181 7.99 -1.50 -10.87
CA ASN A 181 8.65 -0.53 -11.75
C ASN A 181 8.48 0.89 -11.23
N ILE A 182 7.29 1.20 -10.68
CA ILE A 182 7.07 2.53 -10.10
C ILE A 182 8.04 2.76 -8.95
N PHE A 183 8.20 1.76 -8.07
CA PHE A 183 9.14 1.90 -6.96
C PHE A 183 10.57 1.99 -7.46
N TYR A 184 10.91 1.22 -8.49
CA TYR A 184 12.27 1.25 -9.02
C TYR A 184 12.61 2.61 -9.60
N ARG A 185 11.69 3.21 -10.37
CA ARG A 185 11.93 4.55 -10.89
C ARG A 185 11.96 5.59 -9.78
N PHE A 186 11.25 5.34 -8.68
CA PHE A 186 11.26 6.25 -7.55
C PHE A 186 12.57 6.17 -6.77
N ILE A 187 13.27 5.06 -6.82
CA ILE A 187 14.50 4.90 -6.06
C ILE A 187 15.72 5.36 -6.84
N TYR A 188 15.88 4.89 -8.07
CA TYR A 188 17.11 5.08 -8.84
C TYR A 188 16.97 6.09 -9.96
N GLU A 189 15.87 6.84 -10.01
CA GLU A 189 15.71 7.88 -11.04
C GLU A 189 15.12 9.14 -10.43
N THR A 190 14.32 9.87 -11.21
CA THR A 190 13.64 11.06 -10.71
C THR A 190 12.77 10.68 -9.53
N GLU A 191 13.27 10.93 -8.32
CA GLU A 191 12.72 10.33 -7.10
C GLU A 191 11.59 11.19 -6.53
N HIS A 192 10.43 11.12 -7.19
CA HIS A 192 9.21 11.66 -6.62
C HIS A 192 8.01 10.96 -7.22
N HIS A 193 7.15 10.44 -6.34
CA HIS A 193 5.85 9.89 -6.73
C HIS A 193 4.91 10.13 -5.56
N ASN A 194 3.83 10.87 -5.80
CA ASN A 194 2.96 11.31 -4.72
C ASN A 194 2.18 10.19 -4.06
N GLY A 195 2.24 8.97 -4.60
CA GLY A 195 1.45 7.88 -4.05
C GLY A 195 2.25 6.66 -3.63
N ILE A 196 3.48 6.88 -3.15
CA ILE A 196 4.30 5.75 -2.71
C ILE A 196 3.67 5.07 -1.50
N ALA A 197 3.10 5.86 -0.58
CA ALA A 197 2.51 5.28 0.62
C ALA A 197 1.24 4.49 0.31
N GLU A 198 0.42 4.99 -0.61
CA GLU A 198 -0.81 4.28 -0.96
C GLU A 198 -0.50 2.94 -1.63
N LEU A 199 0.54 2.89 -2.45
CA LEU A 199 0.93 1.63 -3.08
C LEU A 199 1.45 0.64 -2.05
N LEU A 200 2.17 1.13 -1.04
CA LEU A 200 2.64 0.25 0.02
C LEU A 200 1.49 -0.32 0.84
N GLU A 201 0.41 0.44 1.02
CA GLU A 201 -0.76 -0.08 1.72
C GLU A 201 -1.36 -1.25 0.97
N ILE A 202 -1.45 -1.16 -0.36
CA ILE A 202 -1.96 -2.26 -1.16
C ILE A 202 -1.02 -3.47 -1.04
N LEU A 203 0.29 -3.23 -1.18
CA LEU A 203 1.25 -4.32 -1.08
C LEU A 203 1.20 -5.00 0.28
N GLY A 204 0.94 -4.22 1.34
CA GLY A 204 0.87 -4.81 2.66
C GLY A 204 -0.19 -5.90 2.76
N SER A 205 -1.38 -5.63 2.22
CA SER A 205 -2.41 -6.65 2.19
C SER A 205 -2.06 -7.79 1.25
N ILE A 206 -1.28 -7.51 0.21
CA ILE A 206 -0.82 -8.57 -0.69
C ILE A 206 0.20 -9.46 0.01
N ILE A 207 1.19 -8.84 0.65
CA ILE A 207 2.19 -9.61 1.38
C ILE A 207 1.55 -10.40 2.51
N ASN A 208 0.56 -9.80 3.19
CA ASN A 208 -0.13 -10.49 4.27
C ASN A 208 -0.89 -11.71 3.78
N GLY A 209 -1.22 -11.77 2.49
CA GLY A 209 -1.90 -12.89 1.90
C GLY A 209 -1.02 -13.86 1.14
N PHE A 210 0.29 -13.72 1.21
CA PHE A 210 1.19 -14.62 0.51
C PHE A 210 1.02 -16.05 1.01
N ALA A 211 1.43 -17.00 0.17
CA ALA A 211 1.13 -18.41 0.36
C ALA A 211 2.36 -19.21 0.78
N LEU A 212 2.08 -20.38 1.39
CA LEU A 212 2.96 -21.38 2.02
C LEU A 212 4.45 -21.02 1.87
N PRO A 213 5.26 -21.57 0.93
CA PRO A 213 6.58 -20.95 0.80
C PRO A 213 6.55 -19.81 -0.19
N LEU A 214 7.22 -18.72 0.18
CA LEU A 214 7.24 -17.53 -0.65
C LEU A 214 7.84 -17.82 -2.02
N LYS A 215 7.24 -17.23 -3.05
CA LYS A 215 7.86 -17.26 -4.36
C LYS A 215 9.21 -16.55 -4.30
N GLU A 216 10.17 -17.05 -5.08
CA GLU A 216 11.50 -16.44 -5.10
C GLU A 216 11.42 -14.97 -5.53
N GLU A 217 10.46 -14.63 -6.40
CA GLU A 217 10.34 -13.25 -6.84
C GLU A 217 9.91 -12.32 -5.72
N HIS A 218 9.20 -12.86 -4.73
CA HIS A 218 8.79 -12.04 -3.59
C HIS A 218 9.99 -11.66 -2.73
N LYS A 219 10.89 -12.62 -2.50
CA LYS A 219 12.10 -12.32 -1.72
C LYS A 219 13.02 -11.35 -2.45
N ILE A 220 13.05 -11.42 -3.79
CA ILE A 220 13.83 -10.46 -4.56
C ILE A 220 13.20 -9.07 -4.46
N PHE A 221 11.87 -9.01 -4.41
CA PHE A 221 11.19 -7.72 -4.28
C PHE A 221 11.46 -7.08 -2.93
N LEU A 222 11.64 -7.89 -1.88
CA LEU A 222 11.91 -7.34 -0.56
C LEU A 222 13.33 -6.81 -0.44
N LEU A 223 14.31 -7.62 -0.84
CA LEU A 223 15.71 -7.27 -0.62
C LEU A 223 16.23 -6.23 -1.61
N LYS A 224 15.59 -6.07 -2.76
CA LYS A 224 16.11 -5.20 -3.81
C LYS A 224 15.23 -4.01 -4.13
N VAL A 225 14.02 -3.95 -3.58
CA VAL A 225 13.12 -2.81 -3.85
C VAL A 225 12.63 -2.22 -2.53
N LEU A 226 12.06 -3.06 -1.66
CA LEU A 226 11.49 -2.55 -0.42
C LEU A 226 12.58 -2.01 0.52
N LEU A 227 13.72 -2.71 0.59
CA LEU A 227 14.79 -2.24 1.46
C LEU A 227 15.46 -0.96 0.94
N PRO A 228 15.81 -0.85 -0.35
CA PRO A 228 16.35 0.44 -0.83
C PRO A 228 15.42 1.62 -0.67
N LEU A 229 14.13 1.40 -0.40
CA LEU A 229 13.21 2.50 -0.16
C LEU A 229 13.51 3.26 1.12
N HIS A 230 14.36 2.72 2.00
CA HIS A 230 14.72 3.41 3.24
C HIS A 230 15.74 4.51 3.03
N LYS A 231 16.35 4.61 1.85
CA LYS A 231 17.36 5.64 1.60
C LYS A 231 16.77 6.95 1.11
N VAL A 232 15.57 6.92 0.53
CA VAL A 232 15.02 8.12 -0.10
C VAL A 232 14.80 9.20 0.96
N LYS A 233 15.02 10.45 0.56
CA LYS A 233 14.93 11.58 1.49
C LYS A 233 13.54 11.69 2.10
N SER A 234 12.50 11.40 1.31
CA SER A 234 11.11 11.52 1.78
C SER A 234 10.61 10.25 2.44
N LEU A 235 11.48 9.53 3.16
CA LEU A 235 11.09 8.27 3.77
C LEU A 235 9.96 8.46 4.77
N SER A 236 9.97 9.57 5.51
CA SER A 236 8.97 9.80 6.54
C SER A 236 7.56 9.88 5.98
N VAL A 237 7.41 10.21 4.70
CA VAL A 237 6.09 10.28 4.10
C VAL A 237 5.43 8.91 4.03
N TYR A 238 6.23 7.85 3.83
CA TYR A 238 5.69 6.51 3.63
C TYR A 238 6.33 5.48 4.55
N HIS A 239 7.08 5.89 5.57
CA HIS A 239 7.77 4.92 6.42
C HIS A 239 6.83 3.98 7.18
N PRO A 240 5.72 4.45 7.79
CA PRO A 240 4.85 3.47 8.49
C PRO A 240 4.32 2.38 7.57
N GLN A 241 4.00 2.72 6.32
CA GLN A 241 3.53 1.70 5.38
C GLN A 241 4.67 0.78 4.96
N LEU A 242 5.86 1.34 4.73
CA LEU A 242 7.01 0.53 4.36
C LEU A 242 7.41 -0.41 5.49
N ALA A 243 7.36 0.06 6.73
CA ALA A 243 7.69 -0.80 7.86
C ALA A 243 6.71 -1.95 7.99
N TYR A 244 5.43 -1.71 7.68
CA TYR A 244 4.43 -2.77 7.77
C TYR A 244 4.71 -3.87 6.74
N CYS A 245 5.15 -3.48 5.55
CA CYS A 245 5.49 -4.48 4.53
C CYS A 245 6.69 -5.31 4.95
N VAL A 246 7.65 -4.70 5.63
CA VAL A 246 8.86 -5.42 6.01
C VAL A 246 8.57 -6.44 7.11
N VAL A 247 7.77 -6.05 8.11
CA VAL A 247 7.48 -6.97 9.20
C VAL A 247 6.54 -8.08 8.73
N GLN A 248 5.71 -7.80 7.71
CA GLN A 248 4.85 -8.85 7.17
C GLN A 248 5.67 -9.90 6.43
N PHE A 249 6.74 -9.49 5.76
CA PHE A 249 7.62 -10.46 5.11
C PHE A 249 8.26 -11.39 6.13
N LEU A 250 8.85 -10.83 7.18
CA LEU A 250 9.49 -11.66 8.21
C LEU A 250 8.47 -12.49 8.97
N GLU A 251 7.23 -12.02 9.06
CA GLU A 251 6.19 -12.82 9.69
C GLU A 251 5.77 -13.99 8.81
N LYS A 252 5.95 -13.86 7.50
CA LYS A 252 5.71 -14.98 6.59
C LYS A 252 6.86 -15.98 6.64
N ASP A 253 8.06 -15.53 6.31
CA ASP A 253 9.25 -16.37 6.33
C ASP A 253 10.33 -15.67 7.14
N SER A 254 10.81 -16.33 8.19
CA SER A 254 11.80 -15.75 9.09
C SER A 254 13.23 -15.86 8.56
N THR A 255 13.43 -16.51 7.42
CA THR A 255 14.78 -16.66 6.88
C THR A 255 15.36 -15.32 6.42
N LEU A 256 14.50 -14.42 5.94
CA LEU A 256 14.96 -13.10 5.48
C LEU A 256 15.40 -12.19 6.60
N THR A 257 15.45 -12.65 7.86
CA THR A 257 15.69 -11.74 8.98
C THR A 257 17.08 -11.12 8.92
N GLU A 258 18.10 -11.93 8.64
CA GLU A 258 19.46 -11.39 8.63
C GLU A 258 19.68 -10.35 7.53
N PRO A 259 19.35 -10.60 6.26
CA PRO A 259 19.55 -9.55 5.25
C PRO A 259 18.64 -8.35 5.44
N VAL A 260 17.49 -8.52 6.09
CA VAL A 260 16.61 -7.38 6.35
C VAL A 260 17.21 -6.48 7.43
N VAL A 261 17.65 -7.07 8.54
CA VAL A 261 18.21 -6.27 9.63
C VAL A 261 19.51 -5.63 9.22
N MET A 262 20.38 -6.37 8.54
CA MET A 262 21.67 -5.81 8.13
C MET A 262 21.50 -4.67 7.14
N ALA A 263 20.43 -4.70 6.34
CA ALA A 263 20.17 -3.60 5.42
C ALA A 263 19.67 -2.37 6.16
N LEU A 264 18.82 -2.56 7.17
CA LEU A 264 18.38 -1.44 7.99
C LEU A 264 19.57 -0.76 8.69
N LEU A 265 20.50 -1.56 9.20
CA LEU A 265 21.69 -0.98 9.83
C LEU A 265 22.58 -0.31 8.79
N LYS A 266 22.52 -0.76 7.53
CA LYS A 266 23.28 -0.10 6.47
C LYS A 266 22.66 1.25 6.12
N TYR A 267 21.35 1.27 5.86
CA TYR A 267 20.64 2.51 5.56
C TYR A 267 20.37 3.34 6.80
N TRP A 268 20.81 2.90 7.97
CA TRP A 268 20.61 3.66 9.19
C TRP A 268 21.28 5.02 9.07
N PRO A 269 20.63 6.10 9.50
CA PRO A 269 21.26 7.43 9.43
C PRO A 269 22.58 7.48 10.17
N LYS A 270 23.68 7.44 9.42
CA LYS A 270 25.00 7.50 10.05
C LYS A 270 25.22 8.82 10.77
N THR A 271 24.54 9.87 10.35
CA THR A 271 24.54 11.13 11.07
C THR A 271 23.57 11.06 12.24
N HIS A 272 23.85 11.85 13.27
CA HIS A 272 22.95 11.97 14.41
C HIS A 272 21.74 12.79 13.98
N SER A 273 20.65 12.10 13.63
CA SER A 273 19.46 12.73 13.09
C SER A 273 18.23 12.25 13.82
N PRO A 274 17.19 13.09 13.93
CA PRO A 274 15.91 12.64 14.49
C PRO A 274 15.22 11.57 13.66
N LYS A 275 15.67 11.32 12.42
CA LYS A 275 15.09 10.28 11.59
C LYS A 275 15.30 8.88 12.15
N GLU A 276 16.21 8.71 13.11
CA GLU A 276 16.47 7.40 13.69
C GLU A 276 15.28 6.89 14.50
N VAL A 277 14.33 7.76 14.84
CA VAL A 277 13.14 7.30 15.56
C VAL A 277 12.32 6.38 14.68
N MET A 278 12.26 6.66 13.37
CA MET A 278 11.57 5.77 12.45
C MET A 278 12.25 4.41 12.40
N PHE A 279 13.59 4.40 12.28
CA PHE A 279 14.32 3.15 12.25
C PHE A 279 14.17 2.40 13.58
N LEU A 280 14.19 3.13 14.70
CA LEU A 280 13.99 2.48 16.00
C LEU A 280 12.57 1.92 16.12
N ASN A 281 11.58 2.62 15.55
CA ASN A 281 10.22 2.09 15.53
C ASN A 281 10.14 0.83 14.69
N GLU A 282 10.73 0.86 13.50
CA GLU A 282 10.68 -0.31 12.61
C GLU A 282 11.49 -1.47 13.17
N LEU A 283 12.61 -1.18 13.85
CA LEU A 283 13.45 -2.25 14.36
C LEU A 283 12.80 -3.01 15.49
N GLU A 284 12.03 -2.33 16.34
CA GLU A 284 11.36 -3.02 17.44
C GLU A 284 10.18 -3.84 16.94
N GLU A 285 9.44 -3.32 15.97
CA GLU A 285 8.35 -4.08 15.35
C GLU A 285 8.87 -5.36 14.70
N ILE A 286 10.12 -5.33 14.21
CA ILE A 286 10.76 -6.54 13.73
C ILE A 286 11.06 -7.48 14.90
N LEU A 287 11.55 -6.93 16.01
CA LEU A 287 11.92 -7.76 17.16
C LEU A 287 10.69 -8.39 17.81
N ASP A 288 9.53 -7.74 17.73
CA ASP A 288 8.30 -8.36 18.19
C ASP A 288 7.89 -9.53 17.31
N VAL A 289 8.42 -9.61 16.09
CA VAL A 289 8.15 -10.72 15.20
C VAL A 289 9.32 -11.70 15.11
N ILE A 290 10.54 -11.25 15.39
CA ILE A 290 11.73 -12.07 15.17
C ILE A 290 11.66 -13.35 16.00
N GLU A 291 12.29 -14.41 15.48
CA GLU A 291 12.49 -15.71 16.10
C GLU A 291 13.84 -15.76 16.79
N PRO A 292 13.96 -16.51 17.89
CA PRO A 292 15.24 -16.59 18.59
C PRO A 292 16.36 -17.15 17.74
N SER A 293 16.05 -18.02 16.78
CA SER A 293 17.09 -18.60 15.93
C SER A 293 17.77 -17.52 15.09
N GLU A 294 16.98 -16.63 14.49
CA GLU A 294 17.53 -15.56 13.66
C GLU A 294 18.07 -14.40 14.48
N PHE A 295 17.57 -14.22 15.71
CA PHE A 295 17.99 -13.08 16.52
C PHE A 295 19.46 -13.16 16.91
N VAL A 296 19.99 -14.37 17.09
CA VAL A 296 21.38 -14.53 17.48
C VAL A 296 22.31 -14.07 16.38
N LYS A 297 21.86 -14.14 15.12
CA LYS A 297 22.73 -13.88 13.98
C LYS A 297 23.00 -12.40 13.75
N ILE A 298 22.20 -11.51 14.35
CA ILE A 298 22.31 -10.09 14.09
C ILE A 298 22.34 -9.28 15.38
N MET A 299 22.39 -9.95 16.53
CA MET A 299 22.26 -9.26 17.80
C MET A 299 23.42 -8.30 18.06
N GLU A 300 24.65 -8.74 17.76
CA GLU A 300 25.81 -7.90 18.08
C GLU A 300 25.82 -6.61 17.24
N PRO A 301 25.69 -6.64 15.91
CA PRO A 301 25.63 -5.37 15.17
C PRO A 301 24.37 -4.57 15.46
N LEU A 302 23.30 -5.21 15.91
CA LEU A 302 22.07 -4.48 16.24
C LEU A 302 22.27 -3.65 17.50
N PHE A 303 22.62 -4.30 18.62
CA PHE A 303 22.76 -3.60 19.88
C PHE A 303 23.96 -2.66 19.90
N ARG A 304 24.97 -2.91 19.06
CA ARG A 304 26.04 -1.92 18.90
C ARG A 304 25.49 -0.63 18.34
N GLN A 305 24.57 -0.72 17.37
CA GLN A 305 23.88 0.47 16.88
C GLN A 305 22.90 0.99 17.93
N LEU A 306 22.21 0.10 18.62
CA LEU A 306 21.27 0.52 19.66
C LEU A 306 21.98 1.21 20.82
N ALA A 307 23.20 0.79 21.13
CA ALA A 307 23.94 1.45 22.20
C ALA A 307 24.31 2.88 21.82
N LYS A 308 24.64 3.11 20.55
CA LYS A 308 24.95 4.47 20.11
C LYS A 308 23.72 5.36 20.08
N CYS A 309 22.52 4.77 19.94
CA CYS A 309 21.30 5.56 20.05
C CYS A 309 21.04 5.99 21.48
N VAL A 310 21.38 5.15 22.45
CA VAL A 310 21.25 5.53 23.85
C VAL A 310 22.22 6.66 24.18
N SER A 311 23.35 6.74 23.50
CA SER A 311 24.33 7.80 23.70
C SER A 311 24.13 8.97 22.76
N SER A 312 22.98 9.05 22.08
CA SER A 312 22.77 10.07 21.07
C SER A 312 22.64 11.46 21.70
N PRO A 313 23.14 12.49 21.02
CA PRO A 313 22.90 13.86 21.50
C PRO A 313 21.45 14.28 21.43
N HIS A 314 20.64 13.61 20.59
CA HIS A 314 19.22 13.91 20.48
C HIS A 314 18.46 13.14 21.55
N PHE A 315 17.70 13.87 22.37
CA PHE A 315 16.95 13.23 23.45
C PHE A 315 15.91 12.27 22.90
N GLN A 316 15.24 12.64 21.80
CA GLN A 316 14.19 11.80 21.25
C GLN A 316 14.74 10.47 20.75
N VAL A 317 15.96 10.46 20.20
CA VAL A 317 16.56 9.22 19.75
C VAL A 317 16.87 8.31 20.93
N ALA A 318 17.45 8.86 22.00
CA ALA A 318 17.77 8.07 23.18
C ALA A 318 16.50 7.64 23.91
N GLU A 319 15.50 8.53 23.98
CA GLU A 319 14.24 8.18 24.62
C GLU A 319 13.60 6.97 23.95
N ARG A 320 13.60 6.94 22.61
CA ARG A 320 12.99 5.84 21.89
C ARG A 320 13.79 4.55 22.08
N ALA A 321 15.12 4.65 22.11
CA ALA A 321 15.94 3.46 22.29
C ALA A 321 15.78 2.87 23.69
N LEU A 322 15.69 3.74 24.70
CA LEU A 322 15.50 3.27 26.08
C LEU A 322 14.16 2.58 26.27
N TYR A 323 13.17 2.90 25.44
CA TYR A 323 11.86 2.24 25.56
CA TYR A 323 11.86 2.26 25.52
C TYR A 323 11.91 0.77 25.18
N TYR A 324 13.02 0.29 24.63
CA TYR A 324 13.14 -1.13 24.31
C TYR A 324 13.11 -2.00 25.56
N TRP A 325 13.62 -1.48 26.69
CA TRP A 325 13.70 -2.28 27.91
C TRP A 325 12.34 -2.66 28.46
N ASN A 326 11.28 -1.96 28.06
CA ASN A 326 9.93 -2.31 28.48
C ASN A 326 9.35 -3.49 27.70
N ASN A 327 10.02 -3.94 26.64
CA ASN A 327 9.54 -5.07 25.84
C ASN A 327 9.99 -6.36 26.50
N GLU A 328 9.03 -7.09 27.09
CA GLU A 328 9.38 -8.31 27.82
C GLU A 328 9.93 -9.38 26.90
N TYR A 329 9.52 -9.39 25.62
CA TYR A 329 10.05 -10.38 24.70
C TYR A 329 11.50 -10.10 24.35
N ILE A 330 11.85 -8.82 24.15
CA ILE A 330 13.25 -8.47 23.91
C ILE A 330 14.09 -8.77 25.14
N MET A 331 13.54 -8.53 26.33
CA MET A 331 14.25 -8.83 27.56
C MET A 331 14.56 -10.32 27.67
N SER A 332 13.58 -11.17 27.33
CA SER A 332 13.82 -12.61 27.32
C SER A 332 14.85 -12.99 26.27
N LEU A 333 14.83 -12.31 25.12
CA LEU A 333 15.84 -12.56 24.09
C LEU A 333 17.23 -12.17 24.58
N ILE A 334 17.34 -11.05 25.29
CA ILE A 334 18.64 -10.62 25.81
C ILE A 334 19.08 -11.52 26.96
N SER A 335 18.13 -12.00 27.76
CA SER A 335 18.49 -12.87 28.89
C SER A 335 19.10 -14.18 28.40
N ASP A 336 18.51 -14.77 27.36
CA ASP A 336 19.03 -16.02 26.80
C ASP A 336 20.36 -15.83 26.07
N ASN A 337 20.81 -14.59 25.90
CA ASN A 337 22.09 -14.29 25.28
C ASN A 337 22.77 -13.15 26.02
N ALA A 338 22.75 -13.22 27.35
CA ALA A 338 23.27 -12.13 28.18
C ALA A 338 24.79 -12.03 28.14
N ALA A 339 25.47 -13.07 27.67
CA ALA A 339 26.93 -13.09 27.73
C ALA A 339 27.57 -12.12 26.74
N LYS A 340 26.87 -11.74 25.67
CA LYS A 340 27.44 -10.91 24.63
C LYS A 340 26.70 -9.60 24.37
N ILE A 341 25.47 -9.45 24.88
CA ILE A 341 24.72 -8.21 24.67
C ILE A 341 25.01 -7.20 25.77
N LEU A 342 25.06 -7.66 27.02
CA LEU A 342 25.28 -6.74 28.14
C LEU A 342 26.62 -6.00 28.08
N PRO A 343 27.75 -6.61 27.69
CA PRO A 343 28.98 -5.81 27.54
C PRO A 343 28.85 -4.69 26.53
N ILE A 344 27.95 -4.81 25.56
CA ILE A 344 27.78 -3.74 24.57
C ILE A 344 26.92 -2.61 25.14
N MET A 345 25.83 -2.95 25.83
CA MET A 345 24.93 -1.92 26.34
C MET A 345 25.53 -1.20 27.55
N PHE A 346 26.41 -1.86 28.30
CA PHE A 346 27.07 -1.27 29.46
C PHE A 346 28.57 -1.51 29.35
N PRO A 347 29.25 -0.73 28.51
CA PRO A 347 30.70 -0.96 28.32
C PRO A 347 31.54 -0.66 29.55
N SER A 348 31.07 0.19 30.46
CA SER A 348 31.82 0.47 31.67
C SER A 348 31.61 -0.57 32.76
N LEU A 349 30.50 -1.31 32.70
CA LEU A 349 30.21 -2.30 33.74
C LEU A 349 31.09 -3.53 33.59
N TYR A 350 31.36 -3.95 32.35
CA TYR A 350 32.10 -5.17 32.08
C TYR A 350 33.56 -4.85 31.81
N ARG A 351 34.45 -5.37 32.67
CA ARG A 351 35.90 -5.22 32.52
C ARG A 351 36.32 -3.76 32.37
N PRO B 13 -3.63 -2.49 13.44
CA PRO B 13 -2.61 -2.06 12.48
C PRO B 13 -3.00 -0.78 11.75
N HIS B 14 -4.08 -0.14 12.21
CA HIS B 14 -4.53 1.15 11.70
C HIS B 14 -4.88 1.10 10.22
N PHE B 15 -3.88 1.34 9.36
CA PHE B 15 -4.11 1.51 7.93
C PHE B 15 -4.13 0.20 7.16
N ALA B 16 -4.14 -0.94 7.85
CA ALA B 16 -4.10 -2.22 7.17
C ALA B 16 -5.38 -2.46 6.38
N MET B 17 -5.23 -2.84 5.12
CA MET B 17 -6.34 -3.18 4.25
C MET B 17 -6.62 -4.68 4.31
N PRO B 18 -7.82 -5.10 3.92
CA PRO B 18 -8.14 -6.54 3.95
C PRO B 18 -7.14 -7.34 3.13
N PRO B 19 -6.62 -8.43 3.68
CA PRO B 19 -5.60 -9.20 2.95
C PRO B 19 -6.17 -9.88 1.72
N ILE B 20 -5.31 -10.08 0.73
CA ILE B 20 -5.65 -10.74 -0.53
C ILE B 20 -4.82 -12.01 -0.60
N HIS B 21 -5.48 -13.16 -0.51
CA HIS B 21 -4.79 -14.44 -0.43
C HIS B 21 -4.24 -14.85 -1.79
N GLU B 22 -3.00 -15.34 -1.79
CA GLU B 22 -2.31 -15.76 -3.01
C GLU B 22 -2.74 -17.19 -3.35
N ASP B 23 -3.94 -17.29 -3.94
CA ASP B 23 -4.56 -18.57 -4.27
C ASP B 23 -4.86 -18.65 -5.76
N HIS B 24 -3.99 -18.06 -6.58
CA HIS B 24 -4.18 -17.99 -8.02
C HIS B 24 -2.94 -18.53 -8.72
N LEU B 25 -3.03 -18.62 -10.05
CA LEU B 25 -1.96 -19.13 -10.90
C LEU B 25 -1.36 -18.00 -11.72
N GLU B 26 -0.05 -18.03 -11.88
CA GLU B 26 0.64 -17.00 -12.64
C GLU B 26 1.54 -17.62 -13.73
#